data_3JUD
#
_entry.id   3JUD
#
_cell.length_a   36.307
_cell.length_b   42.443
_cell.length_c   84.764
_cell.angle_alpha   90.00
_cell.angle_beta   90.00
_cell.angle_gamma   90.00
#
_symmetry.space_group_name_H-M   'P 21 21 21'
#
loop_
_entity.id
_entity.type
_entity.pdbx_description
1 polymer 'AIG2-like domain-containing protein 1'
2 non-polymer 'NITRATE ION'
3 water water
#
_entity_poly.entity_id   1
_entity_poly.type   'polypeptide(L)'
_entity_poly.pdbx_seq_one_letter_code
;MALVFVYGTLKRGQPNHRVLRDGAHGSAAFRARGRTLEPYPLVIAGEHNIPWLLHLPGSGRLVEGEVYAVDERMLRFLDD
FQSCPALYQRTVLRVQLLEDRAPGAEEPPAPTAVQCFVYSRATFPPEWAQLPHHDSYDSEGPHGLRYNPRENR
;
_entity_poly.pdbx_strand_id   A
#
loop_
_chem_comp.id
_chem_comp.type
_chem_comp.name
_chem_comp.formula
NO3 non-polymer 'NITRATE ION' 'N O3 -1'
#
# COMPACT_ATOMS: atom_id res chain seq x y z
N MET A 1 4.35 -11.07 14.07
CA MET A 1 4.76 -10.88 12.68
C MET A 1 3.51 -10.74 11.84
N ALA A 2 3.61 -10.07 10.72
CA ALA A 2 2.52 -9.94 9.86
C ALA A 2 3.03 -9.68 8.44
N LEU A 3 2.18 -9.77 7.43
CA LEU A 3 2.49 -9.30 6.09
C LEU A 3 1.81 -7.96 5.85
N VAL A 4 2.51 -7.04 5.18
CA VAL A 4 1.96 -5.77 4.79
CA VAL A 4 1.90 -5.80 4.78
C VAL A 4 2.11 -5.60 3.29
N PHE A 5 1.05 -5.19 2.62
CA PHE A 5 1.03 -4.83 1.21
C PHE A 5 1.20 -3.33 1.09
N VAL A 6 2.29 -2.92 0.46
CA VAL A 6 2.58 -1.49 0.25
C VAL A 6 2.42 -1.16 -1.21
N TYR A 7 1.78 -0.02 -1.46
CA TYR A 7 1.40 0.40 -2.80
C TYR A 7 1.88 1.84 -3.12
N GLY A 8 2.37 2.54 -2.11
CA GLY A 8 2.59 3.97 -2.21
C GLY A 8 4.03 4.36 -2.02
N THR A 9 4.27 5.31 -1.15
CA THR A 9 5.65 5.91 -0.98
C THR A 9 6.61 4.92 -0.27
N LEU A 10 6.12 3.81 0.25
CA LEU A 10 6.99 2.83 0.94
C LEU A 10 7.57 1.80 -0.04
N LYS A 11 7.07 1.72 -1.28
CA LYS A 11 7.62 0.74 -2.24
C LYS A 11 9.09 0.99 -2.55
N ARG A 12 9.78 -0.06 -2.99
CA ARG A 12 11.13 0.11 -3.56
CA ARG A 12 11.11 0.10 -3.55
C ARG A 12 11.11 1.20 -4.61
N GLY A 13 12.10 2.10 -4.50
CA GLY A 13 12.28 3.24 -5.40
C GLY A 13 11.49 4.46 -5.03
N GLN A 14 10.59 4.39 -4.07
CA GLN A 14 9.70 5.50 -3.70
C GLN A 14 10.21 6.20 -2.50
N PRO A 15 9.72 7.45 -2.27
CA PRO A 15 10.45 8.39 -1.35
C PRO A 15 10.57 7.98 0.11
N ASN A 16 9.69 7.16 0.62
CA ASN A 16 9.73 6.72 2.03
C ASN A 16 10.20 5.26 2.19
N HIS A 17 10.76 4.63 1.16
CA HIS A 17 11.13 3.25 1.29
C HIS A 17 12.14 3.03 2.43
N ARG A 18 12.98 4.01 2.71
CA ARG A 18 13.98 3.90 3.77
C ARG A 18 13.47 3.49 5.07
N VAL A 19 12.21 3.83 5.39
CA VAL A 19 11.74 3.58 6.76
C VAL A 19 11.59 2.09 6.96
N LEU A 20 11.46 1.28 5.90
CA LEU A 20 11.38 -0.17 6.00
C LEU A 20 12.74 -0.76 6.36
N ARG A 21 13.82 0.00 6.11
CA ARG A 21 15.18 -0.48 6.24
C ARG A 21 15.90 0.09 7.47
N ASP A 22 15.27 0.99 8.23
CA ASP A 22 15.84 1.57 9.43
C ASP A 22 15.59 0.58 10.62
N GLY A 23 16.58 -0.22 11.02
CA GLY A 23 16.50 -1.24 12.01
C GLY A 23 16.13 -0.70 13.35
N ALA A 24 16.18 0.63 13.56
CA ALA A 24 15.61 1.14 14.80
C ALA A 24 14.17 0.91 14.86
N HIS A 25 13.50 0.66 13.73
CA HIS A 25 12.03 0.54 13.67
C HIS A 25 11.62 -0.99 13.76
N GLY A 26 12.51 -2.02 13.88
CA GLY A 26 12.18 -3.45 13.61
C GLY A 26 12.62 -3.90 12.25
N SER A 27 11.94 -4.92 11.72
CA SER A 27 12.38 -5.55 10.53
C SER A 27 11.28 -5.60 9.47
N ALA A 28 11.71 -5.55 8.23
CA ALA A 28 10.83 -5.68 7.08
C ALA A 28 11.62 -6.46 6.02
N ALA A 29 11.08 -7.52 5.52
CA ALA A 29 11.73 -8.34 4.48
C ALA A 29 10.82 -8.47 3.30
N PHE A 30 11.30 -8.16 2.14
CA PHE A 30 10.53 -8.30 0.91
C PHE A 30 10.18 -9.76 0.68
N ARG A 31 8.91 -10.02 0.39
CA ARG A 31 8.51 -11.34 0.05
CA ARG A 31 8.38 -11.35 0.18
C ARG A 31 8.06 -11.57 -1.34
N ALA A 32 7.29 -10.63 -1.97
CA ALA A 32 6.80 -10.85 -3.29
C ALA A 32 6.21 -9.59 -3.86
N ARG A 33 6.15 -9.51 -5.18
CA ARG A 33 5.34 -8.58 -5.90
CA ARG A 33 5.24 -8.50 -5.77
C ARG A 33 3.84 -9.07 -5.82
N GLY A 34 2.89 -8.18 -5.66
CA GLY A 34 1.51 -8.55 -5.56
C GLY A 34 0.61 -7.58 -6.30
N ARG A 35 -0.62 -8.00 -6.48
CA ARG A 35 -1.69 -7.18 -7.06
C ARG A 35 -2.96 -7.45 -6.28
N THR A 36 -3.73 -6.44 -5.93
CA THR A 36 -4.97 -6.70 -5.17
C THR A 36 -5.87 -7.61 -6.01
N LEU A 37 -6.58 -8.46 -5.30
CA LEU A 37 -7.56 -9.33 -5.95
C LEU A 37 -8.80 -8.57 -6.29
N GLU A 38 -9.16 -7.56 -5.50
CA GLU A 38 -10.29 -6.69 -5.76
CA GLU A 38 -10.31 -6.70 -5.77
C GLU A 38 -9.79 -5.32 -6.12
N PRO A 39 -10.52 -4.57 -6.97
CA PRO A 39 -10.09 -3.23 -7.32
C PRO A 39 -10.41 -2.25 -6.22
N TYR A 40 -9.58 -1.22 -6.10
CA TYR A 40 -9.80 -0.09 -5.22
C TYR A 40 -9.44 1.19 -6.02
N PRO A 41 -10.02 2.34 -5.64
CA PRO A 41 -9.49 3.63 -6.21
C PRO A 41 -8.24 4.02 -5.41
N LEU A 42 -7.13 4.15 -6.14
CA LEU A 42 -5.85 4.63 -5.59
C LEU A 42 -5.65 6.02 -6.26
N VAL A 43 -5.65 7.06 -5.44
CA VAL A 43 -5.65 8.44 -5.92
C VAL A 43 -4.51 9.18 -5.26
N ILE A 44 -4.01 10.19 -6.00
CA ILE A 44 -3.03 11.17 -5.50
C ILE A 44 -3.83 12.38 -5.10
N ALA A 45 -3.78 12.80 -3.84
CA ALA A 45 -4.65 13.90 -3.39
C ALA A 45 -3.99 14.64 -2.22
N GLY A 46 -4.42 15.92 -2.08
CA GLY A 46 -3.95 16.76 -0.99
C GLY A 46 -2.61 17.43 -1.40
N GLU A 47 -2.20 18.33 -0.53
CA GLU A 47 -1.09 19.23 -0.95
CA GLU A 47 -1.03 19.26 -0.68
C GLU A 47 0.31 18.58 -0.95
N HIS A 48 0.45 17.37 -0.33
CA HIS A 48 1.68 16.65 -0.39
C HIS A 48 1.69 15.64 -1.54
N ASN A 49 0.60 15.55 -2.32
CA ASN A 49 0.50 14.53 -3.38
C ASN A 49 0.75 13.12 -2.83
N ILE A 50 0.13 12.84 -1.67
CA ILE A 50 0.16 11.51 -1.07
C ILE A 50 -0.77 10.56 -1.86
N PRO A 51 -0.34 9.31 -2.01
CA PRO A 51 -1.21 8.31 -2.57
C PRO A 51 -2.11 7.68 -1.47
N TRP A 52 -3.40 7.61 -1.78
CA TRP A 52 -4.40 7.09 -0.82
C TRP A 52 -5.16 5.94 -1.47
N LEU A 53 -5.11 4.77 -0.88
CA LEU A 53 -5.99 3.62 -1.24
C LEU A 53 -7.32 3.86 -0.59
N LEU A 54 -8.28 4.39 -1.33
CA LEU A 54 -9.60 4.67 -0.75
C LEU A 54 -10.29 3.34 -0.53
N HIS A 55 -10.99 3.25 0.65
CA HIS A 55 -11.60 1.95 1.05
C HIS A 55 -12.98 1.75 0.34
N LEU A 56 -12.90 1.59 -0.98
CA LEU A 56 -14.08 1.38 -1.84
C LEU A 56 -13.82 0.15 -2.69
N PRO A 57 -13.62 -1.01 -2.06
CA PRO A 57 -13.35 -2.21 -2.87
C PRO A 57 -14.50 -2.49 -3.82
N GLY A 58 -14.14 -2.92 -5.04
CA GLY A 58 -15.09 -3.14 -6.07
C GLY A 58 -15.22 -1.96 -7.07
N SER A 59 -14.41 -0.94 -6.91
CA SER A 59 -14.36 0.16 -7.82
C SER A 59 -12.91 0.57 -7.99
N GLY A 60 -12.60 1.43 -8.95
CA GLY A 60 -11.19 1.75 -9.24
C GLY A 60 -10.52 0.70 -10.12
N ARG A 61 -9.32 0.26 -9.78
CA ARG A 61 -8.47 -0.59 -10.55
C ARG A 61 -7.84 -1.61 -9.62
N LEU A 62 -7.32 -2.70 -10.17
CA LEU A 62 -6.47 -3.59 -9.38
C LEU A 62 -5.16 -2.82 -9.16
N VAL A 63 -4.64 -2.91 -7.92
CA VAL A 63 -3.49 -2.08 -7.50
C VAL A 63 -2.29 -3.01 -7.36
N GLU A 64 -1.19 -2.62 -7.96
CA GLU A 64 0.06 -3.29 -7.82
C GLU A 64 0.85 -2.81 -6.63
N GLY A 65 1.60 -3.71 -5.99
CA GLY A 65 2.43 -3.34 -4.90
C GLY A 65 3.36 -4.43 -4.50
N GLU A 66 3.86 -4.33 -3.28
CA GLU A 66 4.90 -5.25 -2.74
C GLU A 66 4.47 -5.74 -1.40
N VAL A 67 4.68 -7.04 -1.15
CA VAL A 67 4.40 -7.69 0.09
C VAL A 67 5.68 -7.80 0.93
N TYR A 68 5.65 -7.29 2.17
CA TYR A 68 6.76 -7.36 3.09
C TYR A 68 6.30 -8.15 4.34
N ALA A 69 7.23 -8.98 4.86
CA ALA A 69 7.04 -9.60 6.19
C ALA A 69 7.64 -8.67 7.21
N VAL A 70 6.84 -8.24 8.13
CA VAL A 70 7.30 -7.25 9.14
C VAL A 70 7.15 -7.85 10.54
N ASP A 71 7.99 -7.42 11.44
CA ASP A 71 7.81 -7.81 12.86
C ASP A 71 6.84 -6.82 13.54
N GLU A 72 6.52 -7.07 14.81
CA GLU A 72 5.57 -6.26 15.48
C GLU A 72 6.14 -4.85 15.76
N ARG A 73 7.44 -4.69 15.94
CA ARG A 73 8.03 -3.38 16.09
C ARG A 73 7.80 -2.56 14.82
N MET A 74 8.04 -3.12 13.67
CA MET A 74 7.87 -2.39 12.44
C MET A 74 6.40 -2.06 12.20
N LEU A 75 5.51 -3.00 12.50
CA LEU A 75 4.07 -2.71 12.32
C LEU A 75 3.59 -1.56 13.21
N ARG A 76 4.03 -1.52 14.46
CA ARG A 76 3.63 -0.39 15.32
C ARG A 76 4.20 0.93 14.80
N PHE A 77 5.44 0.90 14.32
CA PHE A 77 6.05 2.12 13.74
C PHE A 77 5.20 2.57 12.53
N LEU A 78 4.92 1.61 11.62
CA LEU A 78 4.19 1.96 10.40
C LEU A 78 2.80 2.57 10.72
N ASP A 79 2.10 2.00 11.72
CA ASP A 79 0.82 2.51 12.09
C ASP A 79 0.92 3.99 12.40
N ASP A 80 1.94 4.37 13.16
CA ASP A 80 2.15 5.79 13.50
C ASP A 80 2.70 6.60 12.37
N PHE A 81 3.59 6.02 11.52
CA PHE A 81 4.05 6.73 10.34
C PHE A 81 2.84 7.16 9.44
N GLN A 82 1.83 6.31 9.40
CA GLN A 82 0.62 6.49 8.57
C GLN A 82 -0.52 7.20 9.38
N SER A 83 -0.24 7.70 10.59
CA SER A 83 -1.24 8.44 11.30
C SER A 83 -2.55 7.69 11.55
N CYS A 84 -2.45 6.40 11.82
CA CYS A 84 -3.63 5.62 12.08
C CYS A 84 -4.12 5.93 13.48
N PRO A 85 -5.43 5.85 13.69
CA PRO A 85 -6.53 5.57 12.72
C PRO A 85 -7.18 6.80 12.16
N ALA A 86 -6.64 8.00 12.41
CA ALA A 86 -7.32 9.21 11.98
C ALA A 86 -7.18 9.46 10.51
N LEU A 87 -6.02 9.14 9.92
CA LEU A 87 -5.74 9.45 8.62
CA LEU A 87 -5.81 9.44 8.46
C LEU A 87 -5.93 8.21 7.63
N TYR A 88 -5.12 7.21 7.81
CA TYR A 88 -5.29 5.87 7.32
C TYR A 88 -5.80 4.99 8.42
N GLN A 89 -6.33 3.86 8.03
CA GLN A 89 -6.63 2.70 8.88
C GLN A 89 -5.92 1.49 8.36
N ARG A 90 -5.45 0.62 9.24
CA ARG A 90 -4.84 -0.63 8.85
C ARG A 90 -5.98 -1.64 8.71
N THR A 91 -6.20 -2.08 7.50
CA THR A 91 -7.27 -3.02 7.17
C THR A 91 -6.60 -4.27 6.56
N VAL A 92 -7.42 -5.26 6.20
CA VAL A 92 -6.91 -6.49 5.62
CA VAL A 92 -6.95 -6.54 5.68
C VAL A 92 -7.46 -6.76 4.25
N LEU A 93 -6.68 -7.37 3.40
CA LEU A 93 -7.13 -7.76 2.05
CA LEU A 93 -7.12 -7.75 2.07
C LEU A 93 -6.32 -8.96 1.59
N ARG A 94 -6.77 -9.54 0.48
CA ARG A 94 -6.01 -10.60 -0.16
CA ARG A 94 -6.09 -10.60 -0.16
C ARG A 94 -5.44 -10.13 -1.45
N VAL A 95 -4.22 -10.56 -1.69
CA VAL A 95 -3.40 -10.16 -2.81
CA VAL A 95 -3.49 -10.17 -2.87
C VAL A 95 -3.04 -11.38 -3.64
N GLN A 96 -3.00 -11.19 -4.97
CA GLN A 96 -2.48 -12.19 -5.90
C GLN A 96 -0.95 -12.03 -5.96
N LEU A 97 -0.23 -13.13 -5.82
CA LEU A 97 1.19 -13.11 -5.94
C LEU A 97 1.59 -13.18 -7.39
N LEU A 98 2.53 -12.31 -7.77
CA LEU A 98 2.96 -12.22 -9.16
C LEU A 98 4.33 -12.85 -9.22
N GLU A 99 4.48 -13.94 -9.97
CA GLU A 99 5.71 -14.62 -10.20
C GLU A 99 6.39 -14.02 -11.41
N GLU A 106 3.81 -28.76 -12.44
CA GLU A 106 2.94 -28.25 -11.42
C GLU A 106 2.14 -28.94 -10.34
N GLU A 107 2.28 -30.15 -9.83
CA GLU A 107 1.12 -30.68 -9.00
C GLU A 107 1.53 -31.18 -7.60
N PRO A 108 0.92 -30.62 -6.52
CA PRO A 108 -0.04 -29.51 -6.54
C PRO A 108 0.68 -28.22 -6.90
N PRO A 109 -0.07 -27.27 -7.49
CA PRO A 109 0.54 -26.02 -7.94
C PRO A 109 0.85 -25.14 -6.75
N ALA A 110 1.65 -24.09 -6.96
CA ALA A 110 1.94 -23.21 -5.93
C ALA A 110 0.61 -22.33 -5.58
N PRO A 111 0.27 -22.08 -4.31
CA PRO A 111 -0.68 -20.99 -3.95
C PRO A 111 -0.31 -19.70 -4.68
N THR A 112 -1.33 -18.95 -5.01
CA THR A 112 -1.19 -17.72 -5.78
C THR A 112 -1.75 -16.51 -5.06
N ALA A 113 -2.10 -16.63 -3.81
CA ALA A 113 -2.71 -15.52 -3.05
C ALA A 113 -2.21 -15.54 -1.65
N VAL A 114 -2.25 -14.38 -1.01
CA VAL A 114 -1.89 -14.26 0.43
C VAL A 114 -2.68 -13.13 1.05
N GLN A 115 -3.04 -13.27 2.31
CA GLN A 115 -3.65 -12.23 3.13
C GLN A 115 -2.60 -11.30 3.71
N CYS A 116 -2.88 -9.97 3.59
CA CYS A 116 -1.95 -8.93 4.07
C CYS A 116 -2.76 -7.84 4.77
N PHE A 117 -2.08 -7.11 5.62
CA PHE A 117 -2.57 -5.79 6.03
C PHE A 117 -2.24 -4.76 4.92
N VAL A 118 -3.02 -3.70 4.94
CA VAL A 118 -2.82 -2.58 4.03
C VAL A 118 -3.28 -1.32 4.76
N TYR A 119 -2.73 -0.17 4.34
CA TYR A 119 -3.18 1.11 4.88
C TYR A 119 -4.16 1.72 3.90
N SER A 120 -5.43 1.76 4.26
CA SER A 120 -6.47 2.26 3.43
C SER A 120 -7.07 3.55 4.07
N ARG A 121 -7.97 4.22 3.38
CA ARG A 121 -8.53 5.44 3.91
C ARG A 121 -10.06 5.41 3.73
N ALA A 122 -10.80 5.43 4.81
CA ALA A 122 -12.25 5.32 4.76
C ALA A 122 -13.05 6.60 4.63
N THR A 123 -12.46 7.69 5.14
CA THR A 123 -13.14 9.00 5.20
C THR A 123 -12.31 9.96 4.41
N PHE A 124 -12.93 10.63 3.41
CA PHE A 124 -12.21 11.49 2.52
C PHE A 124 -13.21 12.44 1.90
N PRO A 125 -12.73 13.56 1.35
CA PRO A 125 -13.61 14.40 0.51
C PRO A 125 -14.20 13.58 -0.60
N PRO A 126 -15.52 13.61 -0.77
CA PRO A 126 -16.13 12.65 -1.72
C PRO A 126 -15.53 12.77 -3.11
N GLU A 127 -15.17 13.95 -3.53
CA GLU A 127 -14.63 14.14 -4.86
C GLU A 127 -13.28 13.42 -5.09
N TRP A 128 -12.59 13.06 -4.02
CA TRP A 128 -11.35 12.32 -4.24
C TRP A 128 -11.59 11.02 -5.00
N ALA A 129 -12.79 10.40 -4.84
CA ALA A 129 -13.10 9.17 -5.52
C ALA A 129 -13.14 9.30 -7.03
N GLN A 130 -13.31 10.51 -7.56
CA GLN A 130 -13.35 10.76 -8.97
C GLN A 130 -11.98 11.25 -9.53
N LEU A 131 -10.98 11.44 -8.71
CA LEU A 131 -9.66 11.75 -9.19
C LEU A 131 -9.14 10.59 -10.05
N PRO A 132 -8.06 10.81 -10.79
CA PRO A 132 -7.53 9.72 -11.60
C PRO A 132 -7.19 8.51 -10.77
N HIS A 133 -7.61 7.32 -11.24
CA HIS A 133 -7.30 6.07 -10.56
C HIS A 133 -6.00 5.49 -11.08
N HIS A 134 -5.15 5.06 -10.16
CA HIS A 134 -3.83 4.48 -10.51
C HIS A 134 -3.84 2.98 -10.29
N ASP A 135 -3.15 2.28 -11.16
CA ASP A 135 -2.83 0.88 -10.96
C ASP A 135 -1.45 0.69 -10.24
N SER A 136 -0.52 1.59 -10.52
CA SER A 136 0.80 1.54 -9.90
C SER A 136 1.23 2.96 -9.65
N TYR A 137 1.46 3.26 -8.42
CA TYR A 137 1.89 4.61 -7.98
C TYR A 137 3.40 4.79 -8.17
N ASP A 138 3.76 5.98 -8.65
CA ASP A 138 5.17 6.42 -8.67
C ASP A 138 5.15 7.92 -8.42
N SER A 139 5.84 8.38 -7.40
CA SER A 139 5.98 9.82 -7.19
C SER A 139 6.48 10.55 -8.44
N GLU A 140 7.42 9.92 -9.15
CA GLU A 140 8.02 10.45 -10.34
C GLU A 140 7.35 9.98 -11.62
N GLY A 141 6.07 9.57 -11.53
CA GLY A 141 5.33 9.07 -12.65
C GLY A 141 4.85 10.17 -13.58
N PRO A 142 4.13 9.78 -14.63
CA PRO A 142 3.84 10.73 -15.75
C PRO A 142 2.88 11.83 -15.39
N HIS A 143 2.16 11.73 -14.27
CA HIS A 143 1.26 12.77 -13.79
C HIS A 143 2.03 14.04 -13.35
N GLY A 144 3.29 13.96 -12.95
CA GLY A 144 4.05 15.11 -12.51
C GLY A 144 3.73 15.56 -11.08
N LEU A 145 2.88 14.88 -10.34
CA LEU A 145 2.49 15.25 -9.03
C LEU A 145 3.46 14.61 -7.99
N ARG A 146 4.66 15.15 -7.95
CA ARG A 146 5.71 14.58 -7.08
C ARG A 146 5.33 14.72 -5.63
N TYR A 147 5.58 13.64 -4.87
CA TYR A 147 5.38 13.65 -3.45
C TYR A 147 6.23 14.74 -2.83
N ASN A 148 5.63 15.45 -1.87
CA ASN A 148 6.51 16.47 -1.26
C ASN A 148 6.03 16.65 0.21
N PRO A 149 6.88 16.27 1.14
CA PRO A 149 6.46 16.31 2.49
C PRO A 149 6.58 17.72 3.12
N ARG A 150 6.94 18.76 2.38
CA ARG A 150 7.11 20.08 2.98
C ARG A 150 5.85 20.60 3.55
N GLU A 151 4.69 20.32 2.99
N NO3 B . 1.73 6.92 -11.21
O1 NO3 B . 0.63 6.58 -12.01
O2 NO3 B . 2.79 6.97 -11.72
O3 NO3 B . 1.47 7.17 -10.10
N NO3 C . -3.12 12.18 -11.40
O1 NO3 C . -2.71 11.53 -10.55
O2 NO3 C . -3.09 11.76 -12.66
O3 NO3 C . -3.73 13.27 -11.09
N NO3 D . 2.18 2.53 1.23
O1 NO3 D . 1.42 1.58 1.06
O2 NO3 D . 3.20 2.72 0.54
O3 NO3 D . 1.86 3.33 2.16
#